data_8QP7
#
_entry.id   8QP7
#
_cell.length_a   60.290
_cell.length_b   31.670
_cell.length_c   135.750
_cell.angle_alpha   90.000
_cell.angle_beta   94.314
_cell.angle_gamma   90.000
#
_symmetry.space_group_name_H-M   'C 1 2 1'
#
loop_
_entity.id
_entity.type
_entity.pdbx_description
1 polymer 'Yop effector YopM,Internalin B'
2 water water
#
_entity_poly.entity_id   1
_entity_poly.type   'polypeptide(L)'
_entity_poly.pdbx_seq_one_letter_code
;MGAMGKSKAEYYNAWSEWERNAPGGNGEQRGMAVSRLRDALDRQSHELELNNLGLSSLPGIQYLPNVTKLFLNGNKLTDI
KPLANLKNLGWLFLDENKVKDLSSLKDLKKLKSLSLEHNGISDINGLVHLPQLESLYLGNNKITDITVLSRLTKLDTLSL
EDNQISDIVPLAGLTKLQNLYLSKNHISDLRALAGLKNLDVLELFSQEILNKPINHQSNLVVPNTVKDTDGSLTTPAIIS
DDGDYEKPNVKWHLPEFTNEVSFIFRQLVNIGGSWAIFSGRVTQPLKEGSENLYFQ
;
_entity_poly.pdbx_strand_id   A
#
# COMPACT_ATOMS: atom_id res chain seq x y z
N LYS A 8 14.81 32.66 16.39
CA LYS A 8 14.71 31.89 17.63
C LYS A 8 13.39 32.17 18.35
N ALA A 9 13.15 33.45 18.66
CA ALA A 9 11.92 33.83 19.33
C ALA A 9 10.71 33.62 18.43
N GLU A 10 10.88 33.81 17.12
CA GLU A 10 9.78 33.58 16.19
C GLU A 10 9.33 32.13 16.19
N TYR A 11 10.25 31.20 16.45
CA TYR A 11 9.87 29.79 16.51
C TYR A 11 8.93 29.51 17.67
N TYR A 12 9.28 29.97 18.87
CA TYR A 12 8.41 29.79 20.02
C TYR A 12 7.10 30.55 19.84
N ASN A 13 7.17 31.73 19.21
CA ASN A 13 5.94 32.48 18.93
C ASN A 13 5.00 31.68 18.04
N ALA A 14 5.52 31.14 16.94
CA ALA A 14 4.69 30.35 16.03
C ALA A 14 4.15 29.10 16.71
N TRP A 15 4.97 28.45 17.54
CA TRP A 15 4.51 27.26 18.23
C TRP A 15 3.39 27.57 19.22
N SER A 16 3.53 28.68 19.97
CA SER A 16 2.48 29.04 20.92
C SER A 16 1.20 29.48 20.20
N GLU A 17 1.35 30.19 19.07
CA GLU A 17 0.16 30.58 18.30
C GLU A 17 -0.54 29.35 17.72
N TRP A 18 0.23 28.34 17.32
CA TRP A 18 -0.36 27.11 16.84
C TRP A 18 -1.05 26.34 17.96
N GLU A 19 -0.46 26.35 19.16
CA GLU A 19 -1.06 25.66 20.29
C GLU A 19 -2.36 26.33 20.72
N ARG A 20 -2.40 27.67 20.71
CA ARG A 20 -3.60 28.38 21.13
C ARG A 20 -4.78 28.14 20.19
N ASN A 21 -4.53 27.71 18.95
CA ASN A 21 -5.59 27.46 17.98
C ASN A 21 -6.09 26.02 18.02
N ALA A 22 -5.96 25.34 19.15
CA ALA A 22 -6.43 23.96 19.25
C ALA A 22 -7.95 23.93 19.40
N PRO A 23 -8.63 23.04 18.70
CA PRO A 23 -10.09 22.97 18.79
C PRO A 23 -10.55 22.27 20.06
N GLY A 24 -11.78 22.60 20.45
CA GLY A 24 -12.37 22.00 21.65
C GLY A 24 -13.16 20.75 21.35
N GLU A 28 -6.53 16.60 21.46
CA GLU A 28 -5.40 17.22 20.79
C GLU A 28 -4.40 17.76 21.81
N GLN A 29 -3.24 17.11 21.88
CA GLN A 29 -2.21 17.46 22.86
C GLN A 29 -1.15 18.34 22.19
N ARG A 30 -1.56 19.57 21.88
CA ARG A 30 -0.64 20.50 21.23
C ARG A 30 0.38 21.05 22.20
N GLY A 31 0.05 21.10 23.50
CA GLY A 31 1.02 21.55 24.49
C GLY A 31 2.21 20.61 24.60
N MET A 32 1.95 19.31 24.61
CA MET A 32 3.03 18.33 24.63
C MET A 32 3.86 18.42 23.36
N ALA A 33 3.21 18.67 22.22
CA ALA A 33 3.94 18.85 20.97
C ALA A 33 4.86 20.05 21.04
N VAL A 34 4.37 21.17 21.60
CA VAL A 34 5.20 22.36 21.74
C VAL A 34 6.36 22.11 22.70
N SER A 35 6.10 21.37 23.78
CA SER A 35 7.17 21.03 24.72
C SER A 35 8.26 20.20 24.05
N ARG A 36 7.85 19.20 23.27
CA ARG A 36 8.82 18.36 22.57
C ARG A 36 9.58 19.15 21.51
N LEU A 37 8.88 20.07 20.82
CA LEU A 37 9.56 20.92 19.85
C LEU A 37 10.60 21.81 20.52
N ARG A 38 10.26 22.36 21.68
CA ARG A 38 11.21 23.20 22.40
C ARG A 38 12.41 22.39 22.87
N ASP A 39 12.16 21.17 23.37
CA ASP A 39 13.27 20.32 23.80
C ASP A 39 14.17 19.95 22.63
N ALA A 40 13.58 19.65 21.47
CA ALA A 40 14.38 19.28 20.30
C ALA A 40 15.17 20.48 19.78
N LEU A 41 14.59 21.68 19.83
CA LEU A 41 15.30 22.87 19.37
C LEU A 41 16.41 23.25 20.33
N ASP A 42 16.22 23.05 21.63
CA ASP A 42 17.24 23.40 22.60
C ASP A 42 18.40 22.40 22.58
N ARG A 43 18.08 21.11 22.63
CA ARG A 43 19.12 20.09 22.66
C ARG A 43 19.67 19.74 21.28
N GLN A 44 19.17 20.39 20.23
CA GLN A 44 19.60 20.12 18.85
C GLN A 44 19.46 18.63 18.53
N SER A 45 18.35 18.05 18.97
CA SER A 45 18.14 16.62 18.78
C SER A 45 17.89 16.28 17.31
N HIS A 46 18.27 15.07 16.93
CA HIS A 46 18.07 14.59 15.58
C HIS A 46 16.79 13.77 15.44
N GLU A 47 16.07 13.53 16.52
CA GLU A 47 14.83 12.77 16.50
C GLU A 47 13.70 13.60 17.10
N LEU A 48 12.55 13.59 16.45
CA LEU A 48 11.36 14.29 16.91
C LEU A 48 10.20 13.30 16.94
N GLU A 49 9.75 12.96 18.14
CA GLU A 49 8.67 11.98 18.33
C GLU A 49 7.41 12.73 18.71
N LEU A 50 6.46 12.79 17.78
CA LEU A 50 5.16 13.42 18.01
C LEU A 50 4.05 12.40 17.79
N ASN A 51 4.27 11.17 18.25
CA ASN A 51 3.32 10.09 18.00
C ASN A 51 2.08 10.22 18.88
N ASN A 52 0.92 9.94 18.30
CA ASN A 52 -0.34 9.81 19.03
C ASN A 52 -0.66 11.07 19.84
N LEU A 53 -0.65 12.22 19.17
CA LEU A 53 -1.00 13.48 19.80
C LEU A 53 -2.30 14.07 19.28
N GLY A 54 -3.01 13.34 18.41
CA GLY A 54 -4.26 13.83 17.86
C GLY A 54 -4.15 15.14 17.11
N LEU A 55 -2.97 15.45 16.57
CA LEU A 55 -2.76 16.73 15.91
C LEU A 55 -3.48 16.75 14.57
N SER A 56 -4.30 17.78 14.38
CA SER A 56 -5.00 17.99 13.11
C SER A 56 -4.25 18.93 12.17
N SER A 57 -3.18 19.56 12.65
CA SER A 57 -2.38 20.46 11.82
C SER A 57 -0.97 20.51 12.39
N LEU A 58 -0.08 21.17 11.66
CA LEU A 58 1.31 21.32 12.06
C LEU A 58 1.69 22.80 12.08
N PRO A 59 2.60 23.20 13.00
CA PRO A 59 3.04 24.60 13.09
C PRO A 59 3.71 25.10 11.82
N LEU A 64 14.79 23.62 12.40
CA LEU A 64 15.21 22.30 12.85
C LEU A 64 15.99 21.58 11.76
N PRO A 65 17.27 21.94 11.58
CA PRO A 65 18.07 21.34 10.52
C PRO A 65 18.70 20.00 10.90
N ASN A 66 18.71 19.64 12.18
CA ASN A 66 19.36 18.42 12.63
C ASN A 66 18.42 17.23 12.72
N VAL A 67 17.10 17.44 12.63
CA VAL A 67 16.15 16.36 12.78
C VAL A 67 16.20 15.45 11.55
N THR A 68 16.48 14.17 11.77
CA THR A 68 16.54 13.19 10.70
C THR A 68 15.43 12.16 10.75
N LYS A 69 14.79 11.96 11.91
CA LYS A 69 13.68 11.04 12.06
C LYS A 69 12.49 11.80 12.62
N LEU A 70 11.34 11.67 11.96
CA LEU A 70 10.12 12.36 12.35
C LEU A 70 9.03 11.32 12.58
N PHE A 71 8.57 11.20 13.84
CA PHE A 71 7.52 10.27 14.22
C PHE A 71 6.21 11.05 14.32
N LEU A 72 5.26 10.76 13.44
CA LEU A 72 3.97 11.44 13.42
C LEU A 72 2.83 10.45 13.31
N ASN A 73 3.03 9.21 13.77
CA ASN A 73 1.97 8.21 13.72
C ASN A 73 0.87 8.54 14.72
N GLY A 74 -0.37 8.26 14.33
CA GLY A 74 -1.48 8.41 15.24
C GLY A 74 -2.00 9.83 15.42
N ASN A 75 -2.01 10.62 14.36
CA ASN A 75 -2.58 11.96 14.39
C ASN A 75 -3.69 12.06 13.35
N LYS A 76 -4.12 13.29 13.08
CA LYS A 76 -5.19 13.56 12.11
C LYS A 76 -4.73 14.57 11.08
N LEU A 77 -3.50 14.41 10.59
CA LEU A 77 -2.93 15.35 9.65
C LEU A 77 -3.50 15.14 8.25
N THR A 78 -3.89 16.24 7.61
CA THR A 78 -4.26 16.25 6.20
C THR A 78 -3.31 17.06 5.34
N ASP A 79 -2.65 18.07 5.92
CA ASP A 79 -1.74 18.94 5.21
C ASP A 79 -0.33 18.68 5.73
N ILE A 80 0.57 18.30 4.83
CA ILE A 80 1.97 18.06 5.19
C ILE A 80 2.89 19.10 4.54
N LYS A 81 2.35 20.26 4.21
CA LYS A 81 3.19 21.33 3.65
C LYS A 81 4.31 21.78 4.59
N PRO A 82 4.10 21.88 5.91
CA PRO A 82 5.23 22.29 6.79
C PRO A 82 6.44 21.36 6.74
N LEU A 83 6.32 20.17 6.16
CA LEU A 83 7.44 19.25 6.04
C LEU A 83 8.20 19.42 4.74
N ALA A 84 7.81 20.36 3.88
CA ALA A 84 8.39 20.45 2.54
C ALA A 84 9.86 20.82 2.58
N ASN A 85 10.30 21.56 3.60
CA ASN A 85 11.65 22.08 3.67
C ASN A 85 12.54 21.35 4.68
N LEU A 86 12.11 20.19 5.16
CA LEU A 86 12.91 19.40 6.10
C LEU A 86 13.81 18.43 5.34
N LYS A 87 14.64 19.01 4.47
CA LYS A 87 15.47 18.27 3.53
C LYS A 87 16.49 17.35 4.19
N ASN A 88 16.62 17.37 5.51
CA ASN A 88 17.50 16.46 6.22
C ASN A 88 16.79 15.21 6.72
N LEU A 89 15.50 15.06 6.40
CA LEU A 89 14.73 13.93 6.89
C LEU A 89 15.18 12.64 6.23
N GLY A 90 15.43 11.61 7.05
CA GLY A 90 15.79 10.30 6.53
C GLY A 90 14.68 9.29 6.74
N TRP A 91 13.98 9.41 7.86
CA TRP A 91 12.88 8.53 8.22
C TRP A 91 11.67 9.37 8.57
N LEU A 92 10.53 9.05 7.96
CA LEU A 92 9.29 9.80 8.18
C LEU A 92 8.15 8.79 8.33
N PHE A 93 7.44 8.87 9.46
CA PHE A 93 6.35 7.95 9.76
C PHE A 93 5.07 8.76 9.91
N LEU A 94 4.06 8.43 9.10
CA LEU A 94 2.80 9.15 9.08
C LEU A 94 1.62 8.20 9.10
N ASP A 95 1.73 7.08 9.81
CA ASP A 95 0.64 6.10 9.84
C ASP A 95 -0.57 6.69 10.54
N GLU A 96 -1.75 6.20 10.13
CA GLU A 96 -3.04 6.53 10.75
C GLU A 96 -3.39 8.01 10.62
N ASN A 97 -2.78 8.71 9.67
CA ASN A 97 -3.13 10.10 9.39
C ASN A 97 -4.19 10.12 8.29
N LYS A 98 -4.47 11.30 7.75
CA LYS A 98 -5.41 11.46 6.64
C LYS A 98 -4.75 12.16 5.45
N VAL A 99 -3.46 11.88 5.24
CA VAL A 99 -2.72 12.54 4.18
C VAL A 99 -3.17 12.00 2.82
N LYS A 100 -3.52 12.91 1.91
CA LYS A 100 -3.95 12.54 0.57
C LYS A 100 -3.00 13.04 -0.52
N ASP A 101 -2.36 14.18 -0.32
CA ASP A 101 -1.42 14.73 -1.30
C ASP A 101 0.00 14.49 -0.82
N LEU A 102 0.85 14.01 -1.73
CA LEU A 102 2.22 13.67 -1.42
C LEU A 102 3.25 14.53 -2.16
N SER A 103 2.80 15.47 -3.00
CA SER A 103 3.75 16.30 -3.73
C SER A 103 4.56 17.19 -2.81
N SER A 104 4.14 17.37 -1.56
CA SER A 104 4.88 18.19 -0.62
C SER A 104 6.18 17.56 -0.15
N LEU A 105 6.38 16.27 -0.41
CA LEU A 105 7.61 15.57 -0.04
C LEU A 105 8.61 15.49 -1.19
N LYS A 106 8.36 16.23 -2.28
CA LYS A 106 9.15 16.05 -3.50
C LYS A 106 10.61 16.44 -3.32
N ASP A 107 10.93 17.29 -2.34
CA ASP A 107 12.29 17.78 -2.14
C ASP A 107 13.01 17.09 -0.98
N LEU A 108 12.40 16.08 -0.38
CA LEU A 108 13.04 15.32 0.69
C LEU A 108 13.91 14.22 0.08
N LYS A 109 15.02 14.66 -0.53
CA LYS A 109 15.87 13.77 -1.29
C LYS A 109 16.72 12.84 -0.42
N LYS A 110 16.79 13.09 0.89
CA LYS A 110 17.51 12.22 1.80
C LYS A 110 16.61 11.17 2.45
N LEU A 111 15.33 11.18 2.13
CA LEU A 111 14.37 10.24 2.74
C LEU A 111 14.69 8.82 2.30
N LYS A 112 14.89 7.94 3.27
CA LYS A 112 15.14 6.52 3.00
C LYS A 112 13.96 5.62 3.36
N SER A 113 13.21 5.94 4.40
CA SER A 113 12.06 5.15 4.83
C SER A 113 10.85 6.05 4.96
N LEU A 114 9.70 5.54 4.52
CA LEU A 114 8.46 6.30 4.52
C LEU A 114 7.30 5.37 4.84
N SER A 115 6.47 5.75 5.80
CA SER A 115 5.33 4.96 6.24
C SER A 115 4.07 5.82 6.15
N LEU A 116 3.11 5.39 5.34
CA LEU A 116 1.85 6.10 5.14
C LEU A 116 0.68 5.13 5.24
N GLU A 117 0.74 4.20 6.19
CA GLU A 117 -0.33 3.22 6.33
C GLU A 117 -1.55 3.85 6.99
N HIS A 118 -2.73 3.29 6.68
CA HIS A 118 -3.99 3.71 7.26
C HIS A 118 -4.27 5.19 7.03
N ASN A 119 -4.04 5.65 5.80
CA ASN A 119 -4.27 7.03 5.43
C ASN A 119 -5.39 7.21 4.41
N GLY A 120 -5.94 6.13 3.87
CA GLY A 120 -6.99 6.24 2.87
C GLY A 120 -6.55 6.91 1.60
N ILE A 121 -5.26 6.83 1.26
CA ILE A 121 -4.73 7.52 0.09
C ILE A 121 -4.97 6.69 -1.16
N SER A 122 -5.29 7.37 -2.25
CA SER A 122 -5.48 6.74 -3.55
C SER A 122 -4.51 7.22 -4.62
N ASP A 123 -3.98 8.44 -4.48
CA ASP A 123 -3.07 9.03 -5.46
C ASP A 123 -1.68 9.08 -4.83
N ILE A 124 -0.78 8.22 -5.32
CA ILE A 124 0.59 8.16 -4.83
C ILE A 124 1.57 8.68 -5.88
N ASN A 125 1.08 9.47 -6.84
CA ASN A 125 1.94 9.91 -7.95
C ASN A 125 3.12 10.73 -7.47
N GLY A 126 2.91 11.58 -6.45
CA GLY A 126 4.00 12.38 -5.91
C GLY A 126 5.21 11.57 -5.49
N LEU A 127 5.02 10.30 -5.10
CA LEU A 127 6.12 9.44 -4.70
C LEU A 127 7.13 9.22 -5.83
N VAL A 128 6.81 9.60 -7.06
CA VAL A 128 7.78 9.53 -8.15
C VAL A 128 8.96 10.46 -7.87
N HIS A 129 8.82 11.40 -6.95
CA HIS A 129 9.88 12.34 -6.63
C HIS A 129 10.81 11.84 -5.54
N LEU A 130 10.65 10.59 -5.10
CA LEU A 130 11.53 9.98 -4.09
C LEU A 130 12.13 8.69 -4.63
N PRO A 131 12.94 8.75 -5.69
CA PRO A 131 13.50 7.52 -6.25
C PRO A 131 14.58 6.88 -5.40
N GLN A 132 15.06 7.58 -4.37
CA GLN A 132 16.09 7.05 -3.48
C GLN A 132 15.51 6.28 -2.31
N LEU A 133 14.19 6.16 -2.20
CA LEU A 133 13.57 5.48 -1.07
C LEU A 133 14.02 4.02 -1.01
N GLU A 134 14.25 3.55 0.21
CA GLU A 134 14.68 2.17 0.44
C GLU A 134 13.57 1.29 0.99
N SER A 135 12.66 1.84 1.80
CA SER A 135 11.52 1.10 2.31
C SER A 135 10.29 2.00 2.25
N LEU A 136 9.17 1.43 1.79
CA LEU A 136 7.94 2.17 1.59
C LEU A 136 6.78 1.32 2.08
N TYR A 137 6.03 1.84 3.05
CA TYR A 137 4.90 1.14 3.65
C TYR A 137 3.62 1.87 3.28
N LEU A 138 2.80 1.24 2.44
CA LEU A 138 1.52 1.81 2.02
C LEU A 138 0.35 0.88 2.30
N GLY A 139 0.49 0.00 3.30
CA GLY A 139 -0.59 -0.92 3.61
C GLY A 139 -1.82 -0.21 4.12
N ASN A 140 -2.99 -0.78 3.81
CA ASN A 140 -4.28 -0.29 4.27
C ASN A 140 -4.53 1.14 3.76
N ASN A 141 -4.76 1.22 2.45
CA ASN A 141 -5.11 2.48 1.80
C ASN A 141 -6.13 2.17 0.71
N LYS A 142 -6.23 3.05 -0.28
CA LYS A 142 -7.17 2.90 -1.38
C LYS A 142 -6.45 2.99 -2.72
N ILE A 143 -5.24 2.45 -2.79
CA ILE A 143 -4.40 2.57 -3.98
C ILE A 143 -4.86 1.58 -5.03
N THR A 144 -4.97 2.05 -6.27
CA THR A 144 -5.20 1.20 -7.44
C THR A 144 -4.06 1.24 -8.44
N ASP A 145 -3.52 2.43 -8.72
CA ASP A 145 -2.48 2.62 -9.72
C ASP A 145 -1.13 2.75 -9.02
N ILE A 146 -0.19 1.87 -9.39
CA ILE A 146 1.14 1.87 -8.80
C ILE A 146 2.18 2.07 -9.90
N THR A 147 1.82 2.80 -10.95
CA THR A 147 2.71 2.98 -12.09
C THR A 147 4.03 3.61 -11.67
N VAL A 148 3.97 4.74 -10.95
CA VAL A 148 5.17 5.48 -10.58
C VAL A 148 6.12 4.65 -9.73
N LEU A 149 5.62 3.60 -9.08
CA LEU A 149 6.49 2.73 -8.29
C LEU A 149 7.56 2.06 -9.14
N SER A 150 7.36 1.99 -10.46
CA SER A 150 8.41 1.46 -11.34
C SER A 150 9.67 2.30 -11.28
N ARG A 151 9.59 3.56 -10.84
CA ARG A 151 10.76 4.41 -10.76
C ARG A 151 11.56 4.20 -9.47
N LEU A 152 10.96 3.57 -8.46
CA LEU A 152 11.62 3.40 -7.17
C LEU A 152 12.44 2.10 -7.18
N THR A 153 13.51 2.13 -7.98
CA THR A 153 14.35 0.96 -8.21
C THR A 153 15.33 0.67 -7.08
N LYS A 154 15.33 1.48 -6.02
CA LYS A 154 16.22 1.27 -4.88
C LYS A 154 15.48 0.76 -3.65
N LEU A 155 14.20 0.44 -3.78
CA LEU A 155 13.44 -0.12 -2.67
C LEU A 155 13.88 -1.55 -2.39
N ASP A 156 14.10 -1.86 -1.11
CA ASP A 156 14.26 -3.24 -0.68
C ASP A 156 13.07 -3.75 0.13
N THR A 157 12.24 -2.86 0.65
CA THR A 157 11.01 -3.22 1.35
C THR A 157 9.85 -2.41 0.78
N LEU A 158 8.77 -3.10 0.42
CA LEU A 158 7.60 -2.45 -0.13
C LEU A 158 6.36 -3.18 0.36
N SER A 159 5.52 -2.49 1.12
CA SER A 159 4.28 -3.05 1.65
C SER A 159 3.12 -2.37 0.96
N LEU A 160 2.34 -3.16 0.20
CA LEU A 160 1.16 -2.66 -0.50
C LEU A 160 -0.09 -3.45 -0.12
N GLU A 161 -0.07 -4.12 1.03
CA GLU A 161 -1.19 -4.97 1.43
C GLU A 161 -2.43 -4.13 1.71
N ASP A 162 -3.59 -4.76 1.52
CA ASP A 162 -4.90 -4.15 1.80
C ASP A 162 -5.08 -2.86 0.99
N ASN A 163 -5.09 -3.03 -0.32
CA ASN A 163 -5.38 -1.93 -1.25
C ASN A 163 -6.33 -2.47 -2.30
N GLN A 164 -6.42 -1.79 -3.44
CA GLN A 164 -7.27 -2.22 -4.55
C GLN A 164 -6.45 -2.43 -5.82
N ILE A 165 -5.22 -2.90 -5.67
CA ILE A 165 -4.30 -3.04 -6.79
C ILE A 165 -4.63 -4.31 -7.57
N SER A 166 -4.76 -4.16 -8.90
CA SER A 166 -4.94 -5.29 -9.79
C SER A 166 -3.83 -5.43 -10.82
N ASP A 167 -3.10 -4.37 -11.12
CA ASP A 167 -2.02 -4.37 -12.11
C ASP A 167 -0.70 -4.17 -11.38
N ILE A 168 0.11 -5.22 -11.31
CA ILE A 168 1.40 -5.19 -10.62
C ILE A 168 2.57 -5.22 -11.60
N VAL A 169 2.31 -5.05 -12.89
CA VAL A 169 3.36 -4.95 -13.91
C VAL A 169 4.40 -3.89 -13.55
N PRO A 170 4.01 -2.70 -13.01
CA PRO A 170 5.04 -1.72 -12.61
C PRO A 170 6.09 -2.24 -11.66
N LEU A 171 5.86 -3.38 -11.01
CA LEU A 171 6.81 -3.94 -10.05
C LEU A 171 7.82 -4.88 -10.69
N ALA A 172 7.71 -5.14 -12.00
CA ALA A 172 8.50 -6.20 -12.62
C ALA A 172 10.00 -5.88 -12.61
N GLY A 173 10.36 -4.59 -12.65
CA GLY A 173 11.76 -4.20 -12.72
C GLY A 173 12.42 -3.87 -11.42
N LEU A 174 11.71 -4.00 -10.29
CA LEU A 174 12.26 -3.67 -8.98
C LEU A 174 13.03 -4.87 -8.43
N THR A 175 14.17 -5.14 -9.07
CA THR A 175 14.97 -6.33 -8.77
C THR A 175 15.57 -6.27 -7.37
N LYS A 176 15.72 -5.08 -6.78
CA LYS A 176 16.32 -4.96 -5.45
C LYS A 176 15.40 -5.40 -4.34
N LEU A 177 14.13 -5.68 -4.62
CA LEU A 177 13.16 -5.97 -3.58
C LEU A 177 13.52 -7.26 -2.84
N GLN A 178 13.55 -7.17 -1.51
CA GLN A 178 13.70 -8.34 -0.65
C GLN A 178 12.45 -8.67 0.14
N ASN A 179 11.62 -7.67 0.47
CA ASN A 179 10.40 -7.87 1.22
C ASN A 179 9.27 -7.18 0.47
N LEU A 180 8.26 -7.96 0.08
CA LEU A 180 7.14 -7.47 -0.72
C LEU A 180 5.85 -8.03 -0.16
N TYR A 181 4.94 -7.15 0.24
CA TYR A 181 3.67 -7.52 0.85
C TYR A 181 2.54 -7.07 -0.08
N LEU A 182 1.81 -8.05 -0.65
CA LEU A 182 0.77 -7.76 -1.63
C LEU A 182 -0.54 -8.46 -1.30
N SER A 183 -0.72 -8.90 -0.06
CA SER A 183 -1.94 -9.59 0.32
C SER A 183 -3.12 -8.62 0.37
N LYS A 184 -4.33 -9.17 0.24
CA LYS A 184 -5.57 -8.41 0.31
C LYS A 184 -5.63 -7.32 -0.76
N ASN A 185 -5.45 -7.73 -2.01
CA ASN A 185 -5.61 -6.83 -3.14
C ASN A 185 -6.56 -7.45 -4.16
N HIS A 186 -6.37 -7.14 -5.44
CA HIS A 186 -7.14 -7.71 -6.53
C HIS A 186 -6.24 -8.40 -7.53
N ILE A 187 -5.17 -9.03 -7.04
CA ILE A 187 -4.13 -9.58 -7.90
C ILE A 187 -4.57 -10.95 -8.40
N SER A 188 -4.54 -11.13 -9.72
CA SER A 188 -4.88 -12.40 -10.36
C SER A 188 -3.79 -12.90 -11.29
N ASP A 189 -2.73 -12.13 -11.52
CA ASP A 189 -1.70 -12.47 -12.49
C ASP A 189 -0.34 -12.15 -11.87
N LEU A 190 0.42 -13.20 -11.54
CA LEU A 190 1.72 -13.04 -10.91
C LEU A 190 2.87 -12.99 -11.89
N ARG A 191 2.59 -12.89 -13.20
CA ARG A 191 3.65 -12.90 -14.19
C ARG A 191 4.65 -11.76 -13.99
N ALA A 192 4.19 -10.64 -13.43
CA ALA A 192 5.07 -9.49 -13.24
C ALA A 192 6.14 -9.73 -12.19
N LEU A 193 5.96 -10.74 -11.33
CA LEU A 193 6.87 -10.99 -10.22
C LEU A 193 7.97 -11.99 -10.56
N ALA A 194 7.98 -12.54 -11.79
CA ALA A 194 8.86 -13.66 -12.10
C ALA A 194 10.34 -13.28 -11.98
N GLY A 195 10.68 -12.02 -12.19
CA GLY A 195 12.05 -11.59 -12.19
C GLY A 195 12.60 -11.08 -10.87
N LEU A 196 11.81 -11.10 -9.80
CA LEU A 196 12.24 -10.59 -8.50
C LEU A 196 12.94 -11.70 -7.72
N LYS A 197 14.11 -12.10 -8.24
CA LYS A 197 14.86 -13.23 -7.71
C LYS A 197 15.66 -12.90 -6.45
N ASN A 198 15.53 -11.69 -5.91
CA ASN A 198 16.17 -11.32 -4.66
C ASN A 198 15.20 -11.31 -3.49
N LEU A 199 13.98 -11.80 -3.68
CA LEU A 199 12.96 -11.74 -2.64
C LEU A 199 13.28 -12.72 -1.51
N ASP A 200 13.09 -12.26 -0.28
CA ASP A 200 13.15 -13.11 0.90
C ASP A 200 11.78 -13.32 1.51
N VAL A 201 10.99 -12.27 1.68
CA VAL A 201 9.65 -12.34 2.24
C VAL A 201 8.66 -11.87 1.18
N LEU A 202 7.64 -12.68 0.94
CA LEU A 202 6.60 -12.37 -0.03
C LEU A 202 5.26 -12.86 0.51
N GLU A 203 4.23 -12.02 0.40
CA GLU A 203 2.90 -12.33 0.89
C GLU A 203 1.88 -12.02 -0.20
N LEU A 204 1.02 -13.00 -0.51
CA LEU A 204 0.08 -12.85 -1.62
C LEU A 204 -1.29 -13.45 -1.30
N PHE A 205 -1.65 -13.59 -0.04
CA PHE A 205 -2.87 -14.30 0.32
C PHE A 205 -4.08 -13.38 0.29
N SER A 206 -5.25 -14.01 0.14
CA SER A 206 -6.55 -13.35 0.29
C SER A 206 -6.78 -12.27 -0.76
N GLN A 207 -6.60 -12.64 -2.02
CA GLN A 207 -6.95 -11.75 -3.12
C GLN A 207 -8.43 -11.86 -3.43
N GLU A 208 -9.03 -10.73 -3.84
CA GLU A 208 -10.43 -10.68 -4.22
C GLU A 208 -10.52 -10.15 -5.64
N ILE A 209 -10.92 -11.02 -6.57
CA ILE A 209 -11.03 -10.67 -7.98
C ILE A 209 -12.51 -10.63 -8.35
N LEU A 210 -12.93 -9.55 -9.00
CA LEU A 210 -14.31 -9.36 -9.41
C LEU A 210 -14.34 -9.24 -10.93
N ASN A 211 -14.93 -10.21 -11.60
CA ASN A 211 -15.06 -10.17 -13.04
C ASN A 211 -16.24 -9.28 -13.45
N LYS A 212 -16.20 -8.82 -14.69
CA LYS A 212 -17.32 -8.05 -15.21
C LYS A 212 -18.55 -8.94 -15.31
N PRO A 213 -19.75 -8.42 -15.04
CA PRO A 213 -20.95 -9.25 -15.09
C PRO A 213 -21.18 -9.84 -16.48
N ILE A 214 -21.59 -11.11 -16.51
CA ILE A 214 -21.88 -11.81 -17.74
C ILE A 214 -23.30 -12.36 -17.66
N ASN A 215 -23.83 -12.77 -18.82
CA ASN A 215 -25.18 -13.29 -18.89
C ASN A 215 -25.26 -14.70 -18.33
N HIS A 216 -26.29 -14.95 -17.53
CA HIS A 216 -26.50 -16.28 -16.96
C HIS A 216 -26.87 -17.27 -18.07
N GLN A 217 -26.28 -18.45 -17.99
CA GLN A 217 -26.57 -19.53 -18.93
C GLN A 217 -26.77 -20.82 -18.17
N SER A 218 -27.64 -21.69 -18.68
CA SER A 218 -27.84 -23.00 -18.08
C SER A 218 -26.56 -23.82 -18.13
N ASN A 219 -25.74 -23.62 -19.16
CA ASN A 219 -24.41 -24.19 -19.25
C ASN A 219 -23.42 -23.03 -19.20
N LEU A 220 -23.02 -22.66 -17.99
CA LEU A 220 -22.16 -21.50 -17.78
C LEU A 220 -20.70 -21.91 -17.94
N VAL A 221 -19.98 -21.17 -18.78
CA VAL A 221 -18.56 -21.40 -19.03
C VAL A 221 -17.82 -20.10 -18.79
N VAL A 222 -16.91 -20.09 -17.82
CA VAL A 222 -16.15 -18.90 -17.46
C VAL A 222 -14.67 -19.22 -17.61
N PRO A 223 -13.93 -18.51 -18.45
CA PRO A 223 -12.48 -18.77 -18.56
C PRO A 223 -11.76 -18.40 -17.28
N ASN A 224 -10.88 -19.30 -16.84
CA ASN A 224 -10.05 -19.01 -15.67
C ASN A 224 -9.00 -17.98 -16.04
N THR A 225 -8.82 -16.98 -15.17
CA THR A 225 -7.89 -15.90 -15.40
C THR A 225 -6.78 -15.81 -14.37
N VAL A 226 -6.73 -16.73 -13.41
CA VAL A 226 -5.69 -16.70 -12.38
C VAL A 226 -4.45 -17.40 -12.93
N LYS A 227 -3.33 -16.67 -12.96
CA LYS A 227 -2.09 -17.17 -13.53
C LYS A 227 -0.95 -17.04 -12.52
N ASP A 228 -0.02 -17.99 -12.56
CA ASP A 228 1.12 -17.98 -11.68
C ASP A 228 2.26 -17.18 -12.32
N THR A 229 3.44 -17.23 -11.72
CA THR A 229 4.59 -16.46 -12.22
C THR A 229 5.06 -16.95 -13.57
N ASP A 230 4.75 -18.19 -13.94
CA ASP A 230 5.10 -18.73 -15.25
C ASP A 230 4.03 -18.49 -16.30
N GLY A 231 2.93 -17.83 -15.94
CA GLY A 231 1.83 -17.64 -16.86
C GLY A 231 0.84 -18.78 -16.92
N SER A 232 1.10 -19.88 -16.21
CA SER A 232 0.21 -21.02 -16.23
C SER A 232 -1.02 -20.76 -15.37
N LEU A 233 -2.17 -21.21 -15.83
CA LEU A 233 -3.41 -20.98 -15.11
C LEU A 233 -3.42 -21.75 -13.79
N THR A 234 -3.83 -21.08 -12.73
CA THR A 234 -3.91 -21.70 -11.41
C THR A 234 -5.18 -22.55 -11.33
N THR A 235 -5.01 -23.82 -11.02
CA THR A 235 -6.16 -24.71 -10.90
C THR A 235 -6.97 -24.33 -9.67
N PRO A 236 -8.29 -24.11 -9.81
CA PRO A 236 -9.09 -23.72 -8.65
C PRO A 236 -9.11 -24.81 -7.59
N ALA A 237 -9.12 -24.38 -6.32
CA ALA A 237 -9.19 -25.31 -5.21
C ALA A 237 -10.63 -25.65 -4.84
N ILE A 238 -11.50 -24.65 -4.77
CA ILE A 238 -12.91 -24.87 -4.47
C ILE A 238 -13.74 -24.13 -5.52
N ILE A 239 -14.84 -24.75 -5.95
CA ILE A 239 -15.74 -24.15 -6.92
C ILE A 239 -17.16 -24.22 -6.37
N SER A 240 -17.86 -23.08 -6.39
CA SER A 240 -19.21 -23.01 -5.85
C SER A 240 -20.21 -23.61 -6.84
N ASP A 241 -21.40 -23.91 -6.32
CA ASP A 241 -22.54 -24.37 -7.12
C ASP A 241 -22.21 -25.63 -7.92
N ASP A 242 -21.40 -26.52 -7.31
CA ASP A 242 -21.06 -27.81 -7.90
C ASP A 242 -20.40 -27.68 -9.28
N GLY A 243 -19.71 -26.55 -9.51
CA GLY A 243 -18.98 -26.40 -10.74
C GLY A 243 -17.68 -27.17 -10.73
N ASP A 244 -17.15 -27.43 -11.93
CA ASP A 244 -15.90 -28.16 -12.08
C ASP A 244 -14.94 -27.34 -12.94
N TYR A 245 -13.74 -27.87 -13.14
CA TYR A 245 -12.69 -27.18 -13.86
C TYR A 245 -12.10 -28.11 -14.91
N GLU A 246 -12.12 -27.67 -16.16
CA GLU A 246 -11.44 -28.35 -17.26
C GLU A 246 -10.69 -27.25 -18.03
N LYS A 247 -9.40 -27.09 -17.72
CA LYS A 247 -8.53 -26.03 -18.23
C LYS A 247 -8.81 -25.76 -19.70
N PRO A 248 -9.07 -24.50 -20.08
CA PRO A 248 -8.99 -23.31 -19.21
C PRO A 248 -10.32 -22.84 -18.61
N ASN A 249 -11.36 -23.67 -18.63
CA ASN A 249 -12.71 -23.23 -18.32
C ASN A 249 -13.20 -23.78 -16.99
N VAL A 250 -13.76 -22.90 -16.17
CA VAL A 250 -14.59 -23.31 -15.03
C VAL A 250 -16.03 -23.40 -15.53
N LYS A 251 -16.68 -24.53 -15.27
CA LYS A 251 -17.99 -24.82 -15.84
C LYS A 251 -19.01 -25.06 -14.73
N TRP A 252 -20.22 -24.57 -14.96
CA TRP A 252 -21.36 -24.82 -14.08
C TRP A 252 -22.56 -25.25 -14.92
N HIS A 253 -23.42 -26.06 -14.32
CA HIS A 253 -24.76 -26.32 -14.82
C HIS A 253 -25.73 -25.58 -13.89
N LEU A 254 -26.31 -24.49 -14.38
CA LEU A 254 -27.22 -23.65 -13.59
C LEU A 254 -28.59 -23.67 -14.25
N PRO A 255 -29.40 -24.70 -13.99
CA PRO A 255 -30.77 -24.71 -14.55
C PRO A 255 -31.63 -23.59 -14.01
N GLU A 256 -31.44 -23.21 -12.75
CA GLU A 256 -32.10 -22.06 -12.16
C GLU A 256 -31.14 -20.89 -12.09
N PHE A 257 -31.67 -19.68 -12.30
CA PHE A 257 -30.83 -18.49 -12.28
C PHE A 257 -30.32 -18.22 -10.87
N THR A 258 -29.05 -17.83 -10.78
CA THR A 258 -28.46 -17.38 -9.53
C THR A 258 -27.69 -16.09 -9.80
N ASN A 259 -27.51 -15.29 -8.76
CA ASN A 259 -26.95 -13.96 -8.92
C ASN A 259 -25.44 -13.95 -9.14
N GLU A 260 -24.73 -14.99 -8.70
CA GLU A 260 -23.29 -15.01 -8.84
C GLU A 260 -22.77 -16.42 -8.62
N VAL A 261 -21.61 -16.70 -9.20
CA VAL A 261 -20.82 -17.88 -8.88
C VAL A 261 -19.45 -17.42 -8.43
N SER A 262 -18.62 -18.37 -7.98
CA SER A 262 -17.30 -18.00 -7.50
C SER A 262 -16.43 -19.25 -7.41
N PHE A 263 -15.12 -19.02 -7.33
CA PHE A 263 -14.19 -20.11 -7.07
C PHE A 263 -12.95 -19.57 -6.36
N ILE A 264 -12.42 -20.38 -5.45
CA ILE A 264 -11.31 -20.03 -4.58
C ILE A 264 -10.08 -20.84 -5.00
N PHE A 265 -8.94 -20.17 -5.10
CA PHE A 265 -7.68 -20.79 -5.48
C PHE A 265 -6.64 -20.62 -4.37
N ARG A 266 -5.69 -21.56 -4.34
CA ARG A 266 -4.66 -21.60 -3.32
C ARG A 266 -3.46 -22.35 -3.90
N GLN A 267 -2.35 -21.66 -4.14
CA GLN A 267 -1.20 -22.26 -4.79
C GLN A 267 0.09 -21.79 -4.14
N LEU A 268 1.02 -22.70 -3.91
CA LEU A 268 2.35 -22.33 -3.42
C LEU A 268 3.21 -21.82 -4.57
N VAL A 269 3.88 -20.69 -4.38
CA VAL A 269 4.74 -20.11 -5.39
C VAL A 269 6.11 -19.84 -4.78
N ASN A 270 7.14 -19.96 -5.61
CA ASN A 270 8.53 -19.76 -5.20
C ASN A 270 9.15 -18.73 -6.12
N ILE A 271 9.58 -17.60 -5.55
CA ILE A 271 10.23 -16.53 -6.31
C ILE A 271 11.52 -16.17 -5.58
N GLY A 272 12.65 -16.36 -6.25
CA GLY A 272 13.93 -16.10 -5.60
C GLY A 272 14.12 -17.04 -4.44
N GLY A 273 14.39 -16.48 -3.27
CA GLY A 273 14.46 -17.22 -2.04
C GLY A 273 13.19 -17.20 -1.21
N SER A 274 12.09 -16.68 -1.76
CA SER A 274 10.84 -16.56 -1.03
C SER A 274 9.83 -17.61 -1.49
N TRP A 275 9.05 -18.10 -0.53
CA TRP A 275 7.97 -19.03 -0.79
C TRP A 275 6.69 -18.47 -0.17
N ALA A 276 5.64 -18.35 -0.98
CA ALA A 276 4.43 -17.68 -0.54
C ALA A 276 3.20 -18.41 -1.02
N ILE A 277 2.12 -18.29 -0.25
CA ILE A 277 0.81 -18.82 -0.64
C ILE A 277 0.08 -17.75 -1.43
N PHE A 278 -0.18 -18.03 -2.70
CA PHE A 278 -0.99 -17.19 -3.57
C PHE A 278 -2.41 -17.72 -3.48
N SER A 279 -3.26 -17.02 -2.73
CA SER A 279 -4.61 -17.47 -2.44
C SER A 279 -5.59 -16.36 -2.73
N GLY A 280 -6.82 -16.75 -3.09
CA GLY A 280 -7.83 -15.74 -3.36
C GLY A 280 -9.12 -16.35 -3.85
N ARG A 281 -10.04 -15.46 -4.21
CA ARG A 281 -11.39 -15.82 -4.64
C ARG A 281 -11.78 -14.96 -5.84
N VAL A 282 -12.25 -15.62 -6.90
CA VAL A 282 -12.79 -14.94 -8.08
C VAL A 282 -14.31 -15.03 -8.00
N THR A 283 -14.98 -13.89 -8.19
CA THR A 283 -16.43 -13.79 -8.15
C THR A 283 -16.93 -13.39 -9.52
N GLN A 284 -17.92 -14.13 -10.03
CA GLN A 284 -18.52 -13.88 -11.34
C GLN A 284 -19.99 -13.53 -11.15
N PRO A 285 -20.37 -12.26 -11.28
CA PRO A 285 -21.79 -11.91 -11.20
C PRO A 285 -22.53 -12.31 -12.47
N LEU A 286 -23.81 -12.61 -12.30
CA LEU A 286 -24.67 -13.02 -13.40
C LEU A 286 -25.93 -12.17 -13.42
N LYS A 287 -26.45 -11.93 -14.61
CA LYS A 287 -27.65 -11.11 -14.80
C LYS A 287 -28.73 -11.90 -15.51
N GLU A 288 -29.90 -11.28 -15.63
CA GLU A 288 -31.06 -11.86 -16.28
C GLU A 288 -31.44 -13.20 -15.66
#